data_8E6O
#
_entry.id   8E6O
#
_cell.length_a   137.889
_cell.length_b   137.889
_cell.length_c   154.875
_cell.angle_alpha   90.000
_cell.angle_beta   90.000
_cell.angle_gamma   90.000
#
_symmetry.space_group_name_H-M   'I 4 2 2'
#
loop_
_entity.id
_entity.type
_entity.pdbx_description
1 polymer 'Histone acetyltransferase KAT2A'
2 non-polymer 'S-{(3S,5R,9R)-1-[(2R,3S,4R,5R)-5-(6-amino-9H-purin-9-yl)-4-hydroxy-3-(phosphonooxy)oxolan-2-yl]-3,5,9-trihydroxy-8,8-dimethyl-3,5,10,14-tetraoxo-2,4,6-trioxa-11,15-diaza-3lambda~5~,5lambda~5~-diphosphaheptadecan-17-yl} (2R)-2-hydroxypropanethioate'
3 water water
#
_entity_poly.entity_id   1
_entity_poly.type   'polypeptide(L)'
_entity_poly.pdbx_seq_one_letter_code
;IIEFHVIGNSLTPKANRRVLLWLVGLQNVFSHQLPRMPKEYIARLVFDPKHKTLALIKDGRVIGGICFRMFPTQGFTEIV
FCAVTSNEQVKGYGTHLMNHLKEYHIKHNILYFLTYADEYAIGYFKKQGFSKDIKVPKSRYLGYIKDYEGATLMECELNP
RIPYT
;
_entity_poly.pdbx_strand_id   A,B,C
#
# COMPACT_ATOMS: atom_id res chain seq x y z
N ILE A 1 -5.80 31.03 -9.14
CA ILE A 1 -6.42 30.18 -10.14
C ILE A 1 -6.81 28.84 -9.52
N ILE A 2 -8.11 28.60 -9.41
CA ILE A 2 -8.65 27.43 -8.73
C ILE A 2 -9.06 26.40 -9.78
N GLU A 3 -8.66 25.15 -9.58
CA GLU A 3 -9.04 24.06 -10.46
C GLU A 3 -9.50 22.85 -9.65
N PHE A 4 -10.41 22.08 -10.23
CA PHE A 4 -10.88 20.81 -9.67
C PHE A 4 -10.69 19.72 -10.72
N HIS A 5 -10.01 18.65 -10.34
CA HIS A 5 -9.78 17.52 -11.23
C HIS A 5 -10.04 16.22 -10.51
N VAL A 6 -10.81 15.33 -11.12
CA VAL A 6 -10.96 13.96 -10.65
C VAL A 6 -9.82 13.16 -11.26
N ILE A 7 -8.93 12.66 -10.41
CA ILE A 7 -7.74 11.96 -10.85
C ILE A 7 -7.65 10.63 -10.13
N GLY A 8 -6.59 9.88 -10.43
CA GLY A 8 -6.36 8.61 -9.79
C GLY A 8 -5.49 7.67 -10.60
N ASN A 9 -4.76 6.79 -9.91
CA ASN A 9 -3.95 5.79 -10.60
C ASN A 9 -4.84 4.87 -11.43
N SER A 10 -4.26 4.33 -12.50
CA SER A 10 -5.03 3.55 -13.47
C SER A 10 -4.24 2.33 -13.90
N LEU A 11 -4.94 1.41 -14.56
CA LEU A 11 -4.37 0.17 -15.10
C LEU A 11 -3.62 -0.62 -14.04
N ALA A 15 0.31 14.38 -18.88
CA ALA A 15 -0.17 14.88 -17.59
C ALA A 15 -0.08 13.81 -16.51
N ASN A 16 0.28 12.60 -16.92
CA ASN A 16 0.42 11.51 -15.95
C ASN A 16 1.46 11.84 -14.89
N ARG A 17 2.56 12.49 -15.29
CA ARG A 17 3.58 12.88 -14.33
C ARG A 17 3.12 14.02 -13.44
N ARG A 18 2.30 14.93 -13.97
CA ARG A 18 1.72 15.97 -13.13
C ARG A 18 0.58 15.42 -12.28
N VAL A 19 -0.15 14.42 -12.79
CA VAL A 19 -1.15 13.73 -11.97
C VAL A 19 -0.44 12.92 -10.89
N LEU A 20 0.68 12.29 -11.23
CA LEU A 20 1.47 11.56 -10.24
C LEU A 20 1.87 12.45 -9.09
N LEU A 21 2.46 13.61 -9.39
CA LEU A 21 2.88 14.52 -8.32
C LEU A 21 1.68 15.08 -7.58
N TRP A 22 0.54 15.25 -8.25
CA TRP A 22 -0.68 15.61 -7.56
C TRP A 22 -1.09 14.53 -6.57
N LEU A 23 -1.02 13.27 -7.00
CA LEU A 23 -1.36 12.17 -6.11
C LEU A 23 -0.36 12.07 -4.95
N VAL A 24 0.90 12.40 -5.19
CA VAL A 24 1.86 12.47 -4.10
C VAL A 24 1.53 13.64 -3.18
N GLY A 25 1.16 14.78 -3.74
CA GLY A 25 0.77 15.92 -2.92
C GLY A 25 -0.49 15.66 -2.12
N LEU A 26 -1.46 14.96 -2.72
CA LEU A 26 -2.66 14.60 -1.99
C LEU A 26 -2.35 13.65 -0.84
N GLN A 27 -1.51 12.65 -1.09
CA GLN A 27 -1.13 11.72 -0.03
C GLN A 27 -0.42 12.44 1.11
N ASN A 28 0.38 13.47 0.79
CA ASN A 28 1.05 14.25 1.82
C ASN A 28 0.05 15.11 2.60
N VAL A 29 -0.86 15.78 1.91
CA VAL A 29 -1.86 16.61 2.59
C VAL A 29 -2.76 15.73 3.46
N PHE A 30 -3.22 14.60 2.92
CA PHE A 30 -4.04 13.68 3.70
C PHE A 30 -3.29 13.20 4.94
N SER A 31 -2.03 12.81 4.77
CA SER A 31 -1.26 12.28 5.91
C SER A 31 -1.08 13.33 7.00
N HIS A 32 -0.81 14.57 6.60
CA HIS A 32 -0.58 15.61 7.61
C HIS A 32 -1.88 15.99 8.32
N GLN A 33 -2.98 16.10 7.57
CA GLN A 33 -4.26 16.50 8.16
C GLN A 33 -4.96 15.36 8.89
N LEU A 34 -4.58 14.11 8.62
CA LEU A 34 -5.18 12.94 9.28
C LEU A 34 -4.07 12.14 9.95
N PRO A 35 -3.44 12.70 11.00
CA PRO A 35 -2.22 12.08 11.54
C PRO A 35 -2.46 10.72 12.16
N ARG A 36 -3.67 10.43 12.64
CA ARG A 36 -3.94 9.12 13.22
C ARG A 36 -4.18 8.04 12.16
N MET A 37 -4.18 8.40 10.88
CA MET A 37 -4.20 7.45 9.79
C MET A 37 -2.78 7.01 9.46
N PRO A 38 -2.54 5.73 9.20
CA PRO A 38 -1.22 5.31 8.75
C PRO A 38 -0.92 5.87 7.37
N LYS A 39 0.29 6.43 7.21
CA LYS A 39 0.68 7.03 5.95
C LYS A 39 0.66 6.01 4.81
N GLU A 40 1.12 4.79 5.10
CA GLU A 40 1.12 3.74 4.08
C GLU A 40 -0.29 3.36 3.69
N TYR A 41 -1.21 3.35 4.66
CA TYR A 41 -2.62 3.11 4.38
C TYR A 41 -3.19 4.18 3.46
N ILE A 42 -2.85 5.44 3.73
CA ILE A 42 -3.32 6.54 2.88
C ILE A 42 -2.77 6.39 1.47
N ALA A 43 -1.47 6.12 1.35
CA ALA A 43 -0.84 6.00 0.04
C ALA A 43 -1.43 4.84 -0.75
N ARG A 44 -1.68 3.71 -0.08
CA ARG A 44 -2.23 2.54 -0.78
C ARG A 44 -3.61 2.83 -1.34
N LEU A 45 -4.44 3.56 -0.58
CA LEU A 45 -5.78 3.86 -1.07
C LEU A 45 -5.77 4.97 -2.12
N VAL A 46 -4.91 5.99 -1.93
CA VAL A 46 -4.83 7.09 -2.90
C VAL A 46 -4.40 6.59 -4.27
N PHE A 47 -3.55 5.56 -4.30
CA PHE A 47 -3.07 4.98 -5.55
C PHE A 47 -3.80 3.69 -5.92
N ASP A 48 -4.90 3.38 -5.23
CA ASP A 48 -5.64 2.18 -5.55
C ASP A 48 -6.43 2.39 -6.83
N PRO A 49 -6.42 1.41 -7.76
CA PRO A 49 -7.14 1.58 -9.03
C PRO A 49 -8.63 1.83 -8.87
N LYS A 50 -9.26 1.25 -7.86
CA LYS A 50 -10.70 1.45 -7.68
C LYS A 50 -11.03 2.73 -6.93
N HIS A 51 -10.03 3.48 -6.46
CA HIS A 51 -10.26 4.74 -5.75
C HIS A 51 -9.97 5.91 -6.68
N LYS A 52 -10.73 6.98 -6.49
CA LYS A 52 -10.51 8.24 -7.18
C LYS A 52 -10.34 9.35 -6.15
N THR A 53 -9.76 10.47 -6.60
CA THR A 53 -9.60 11.64 -5.75
C THR A 53 -10.00 12.89 -6.54
N LEU A 54 -10.88 13.69 -5.96
CA LEU A 54 -11.17 15.02 -6.47
C LEU A 54 -10.14 15.98 -5.90
N ALA A 55 -9.24 16.45 -6.75
CA ALA A 55 -8.12 17.27 -6.31
C ALA A 55 -8.46 18.75 -6.43
N LEU A 56 -8.15 19.52 -5.40
CA LEU A 56 -8.29 20.97 -5.41
C LEU A 56 -6.92 21.57 -5.73
N ILE A 57 -6.78 22.13 -6.94
CA ILE A 57 -5.52 22.66 -7.43
C ILE A 57 -5.59 24.18 -7.38
N LYS A 58 -4.61 24.81 -6.74
CA LYS A 58 -4.50 26.27 -6.68
C LYS A 58 -3.16 26.67 -7.27
N ASP A 59 -3.20 27.38 -8.40
CA ASP A 59 -1.99 27.84 -9.10
C ASP A 59 -1.04 26.68 -9.37
N GLY A 60 -1.60 25.54 -9.75
CA GLY A 60 -0.82 24.38 -10.11
C GLY A 60 -0.39 23.47 -8.97
N ARG A 61 -0.79 23.78 -7.74
CA ARG A 61 -0.36 23.01 -6.57
C ARG A 61 -1.57 22.45 -5.83
N VAL A 62 -1.41 21.23 -5.32
CA VAL A 62 -2.45 20.60 -4.52
C VAL A 62 -2.60 21.32 -3.19
N ILE A 63 -3.83 21.74 -2.89
CA ILE A 63 -4.13 22.34 -1.59
C ILE A 63 -5.30 21.66 -0.89
N GLY A 64 -5.84 20.57 -1.44
CA GLY A 64 -6.97 19.88 -0.85
C GLY A 64 -7.52 18.79 -1.75
N GLY A 65 -8.33 17.89 -1.17
CA GLY A 65 -8.89 16.83 -1.99
C GLY A 65 -9.91 16.01 -1.22
N ILE A 66 -10.66 15.22 -1.97
CA ILE A 66 -11.54 14.21 -1.38
C ILE A 66 -11.25 12.90 -2.09
N CYS A 67 -10.68 11.95 -1.36
CA CYS A 67 -10.53 10.60 -1.88
C CYS A 67 -11.81 9.82 -1.64
N PHE A 68 -12.29 9.15 -2.69
CA PHE A 68 -13.57 8.46 -2.60
C PHE A 68 -13.53 7.19 -3.45
N ARG A 69 -14.37 6.24 -3.10
CA ARG A 69 -14.48 4.97 -3.81
C ARG A 69 -15.93 4.79 -4.22
N MET A 70 -16.18 4.80 -5.53
CA MET A 70 -17.55 4.66 -6.04
C MET A 70 -17.96 3.19 -6.04
N PHE A 71 -19.17 2.93 -5.55
CA PHE A 71 -19.77 1.59 -5.59
C PHE A 71 -21.05 1.67 -6.42
N PRO A 72 -20.92 1.82 -7.74
CA PRO A 72 -22.13 2.00 -8.56
C PRO A 72 -23.06 0.80 -8.54
N THR A 73 -22.53 -0.42 -8.40
CA THR A 73 -23.37 -1.59 -8.29
C THR A 73 -24.16 -1.62 -6.98
N GLN A 74 -23.73 -0.85 -5.98
CA GLN A 74 -24.45 -0.79 -4.71
C GLN A 74 -25.28 0.47 -4.55
N GLY A 75 -25.08 1.48 -5.39
CA GLY A 75 -25.86 2.69 -5.33
C GLY A 75 -25.34 3.79 -4.44
N PHE A 76 -24.06 3.74 -4.04
CA PHE A 76 -23.51 4.77 -3.16
C PHE A 76 -22.02 4.91 -3.42
N THR A 77 -21.44 5.96 -2.81
CA THR A 77 -20.00 6.19 -2.84
C THR A 77 -19.46 6.34 -1.43
N GLU A 78 -18.33 5.72 -1.16
CA GLU A 78 -17.66 5.84 0.13
C GLU A 78 -16.67 7.01 0.09
N ILE A 79 -16.80 7.92 1.05
CA ILE A 79 -15.85 9.01 1.18
C ILE A 79 -14.71 8.55 2.07
N VAL A 80 -13.51 8.51 1.52
CA VAL A 80 -12.36 7.88 2.17
C VAL A 80 -11.51 8.88 2.93
N PHE A 81 -11.13 9.98 2.30
CA PHE A 81 -10.34 11.03 2.95
C PHE A 81 -10.84 12.40 2.48
N CYS A 82 -10.91 13.34 3.41
CA CYS A 82 -11.20 14.74 3.11
C CYS A 82 -10.17 15.60 3.83
N ALA A 83 -9.55 16.53 3.11
CA ALA A 83 -8.54 17.38 3.73
C ALA A 83 -8.32 18.63 2.89
N VAL A 84 -8.08 19.73 3.58
CA VAL A 84 -7.60 20.97 2.99
C VAL A 84 -6.38 21.40 3.79
N THR A 85 -5.33 21.84 3.09
CA THR A 85 -4.10 22.23 3.79
C THR A 85 -4.38 23.39 4.74
N SER A 86 -3.58 23.46 5.80
CA SER A 86 -3.87 24.34 6.93
C SER A 86 -4.01 25.80 6.49
N ASN A 87 -3.09 26.27 5.66
CA ASN A 87 -3.12 27.68 5.25
C ASN A 87 -4.29 28.02 4.35
N GLU A 88 -4.99 27.04 3.81
CA GLU A 88 -6.14 27.30 2.96
C GLU A 88 -7.47 26.92 3.61
N GLN A 89 -7.45 26.63 4.91
CA GLN A 89 -8.67 26.22 5.59
C GLN A 89 -9.51 27.44 5.97
N VAL A 90 -10.79 27.17 6.24
CA VAL A 90 -11.76 28.18 6.65
C VAL A 90 -11.87 29.26 5.57
N LYS A 91 -11.74 28.84 4.30
CA LYS A 91 -12.00 29.70 3.16
C LYS A 91 -13.16 29.21 2.30
N GLY A 92 -13.82 28.11 2.69
CA GLY A 92 -14.88 27.55 1.89
C GLY A 92 -14.45 26.45 0.93
N TYR A 93 -13.16 26.10 0.90
CA TYR A 93 -12.70 25.10 -0.06
C TYR A 93 -13.26 23.72 0.26
N GLY A 94 -13.33 23.36 1.54
CA GLY A 94 -13.95 22.10 1.91
C GLY A 94 -15.40 22.01 1.49
N THR A 95 -16.13 23.13 1.53
CA THR A 95 -17.51 23.15 1.06
C THR A 95 -17.57 23.10 -0.47
N HIS A 96 -16.68 23.85 -1.14
CA HIS A 96 -16.64 23.80 -2.60
C HIS A 96 -16.19 22.43 -3.11
N LEU A 97 -15.29 21.76 -2.37
CA LEU A 97 -14.88 20.42 -2.74
C LEU A 97 -16.05 19.46 -2.68
N MET A 98 -16.81 19.49 -1.58
CA MET A 98 -17.93 18.57 -1.43
C MET A 98 -19.02 18.86 -2.45
N ASN A 99 -19.25 20.15 -2.76
CA ASN A 99 -20.26 20.50 -3.75
C ASN A 99 -19.88 20.00 -5.14
N HIS A 100 -18.60 20.12 -5.51
CA HIS A 100 -18.15 19.58 -6.78
C HIS A 100 -18.28 18.07 -6.82
N LEU A 101 -17.99 17.40 -5.70
CA LEU A 101 -18.15 15.96 -5.64
C LEU A 101 -19.60 15.56 -5.79
N LYS A 102 -20.51 16.36 -5.24
CA LYS A 102 -21.94 16.08 -5.38
C LYS A 102 -22.39 16.23 -6.82
N GLU A 103 -22.00 17.33 -7.47
CA GLU A 103 -22.36 17.52 -8.88
C GLU A 103 -21.80 16.40 -9.74
N TYR A 104 -20.59 15.95 -9.46
CA TYR A 104 -19.99 14.87 -10.23
C TYR A 104 -20.78 13.57 -10.08
N HIS A 105 -21.28 13.29 -8.88
CA HIS A 105 -21.97 12.02 -8.66
C HIS A 105 -23.40 12.05 -9.20
N ILE A 106 -24.03 13.22 -9.25
CA ILE A 106 -25.35 13.31 -9.86
C ILE A 106 -25.28 12.97 -11.35
N LYS A 107 -24.21 13.41 -12.02
CA LYS A 107 -23.99 13.04 -13.41
C LYS A 107 -23.80 11.55 -13.60
N HIS A 108 -23.44 10.82 -12.53
CA HIS A 108 -23.25 9.38 -12.61
C HIS A 108 -24.40 8.60 -11.97
N ASN A 109 -25.51 9.26 -11.67
CA ASN A 109 -26.67 8.63 -11.03
C ASN A 109 -26.29 7.89 -9.74
N ILE A 110 -25.40 8.51 -8.96
CA ILE A 110 -25.06 8.02 -7.64
C ILE A 110 -25.49 9.11 -6.66
N LEU A 111 -26.47 8.79 -5.81
CA LEU A 111 -27.16 9.82 -5.03
C LEU A 111 -27.01 9.61 -3.53
N TYR A 112 -26.06 8.78 -3.09
CA TYR A 112 -25.86 8.53 -1.67
C TYR A 112 -24.37 8.50 -1.35
N PHE A 113 -23.97 9.33 -0.40
CA PHE A 113 -22.62 9.30 0.16
C PHE A 113 -22.65 8.60 1.50
N LEU A 114 -21.65 7.74 1.74
CA LEU A 114 -21.46 7.10 3.03
C LEU A 114 -20.04 7.37 3.53
N THR A 115 -19.91 7.60 4.83
CA THR A 115 -18.60 7.82 5.44
C THR A 115 -18.68 7.57 6.93
N TYR A 116 -17.53 7.40 7.55
CA TYR A 116 -17.40 7.28 8.99
C TYR A 116 -16.64 8.50 9.50
N ALA A 117 -17.27 9.25 10.40
CA ALA A 117 -16.69 10.47 10.95
C ALA A 117 -16.42 10.27 12.43
N ASP A 118 -15.20 10.59 12.86
CA ASP A 118 -14.93 10.57 14.30
C ASP A 118 -15.49 11.82 14.96
N GLU A 119 -15.24 11.96 16.26
CA GLU A 119 -15.86 13.04 17.03
C GLU A 119 -15.43 14.42 16.53
N TYR A 120 -14.22 14.54 15.98
CA TYR A 120 -13.74 15.82 15.52
C TYR A 120 -14.26 16.21 14.14
N ALA A 121 -14.69 15.25 13.32
CA ALA A 121 -15.09 15.54 11.95
C ALA A 121 -16.59 15.53 11.73
N ILE A 122 -17.38 15.05 12.70
CA ILE A 122 -18.83 14.96 12.53
C ILE A 122 -19.43 16.31 12.15
N GLY A 123 -18.93 17.38 12.78
CA GLY A 123 -19.53 18.69 12.57
C GLY A 123 -19.38 19.19 11.14
N TYR A 124 -18.25 18.90 10.50
CA TYR A 124 -18.07 19.30 9.11
C TYR A 124 -19.04 18.57 8.18
N PHE A 125 -19.23 17.26 8.41
CA PHE A 125 -20.15 16.50 7.57
C PHE A 125 -21.59 16.91 7.79
N LYS A 126 -21.97 17.27 9.03
CA LYS A 126 -23.30 17.82 9.28
C LYS A 126 -23.55 19.07 8.45
N LYS A 127 -22.56 19.97 8.39
CA LYS A 127 -22.70 21.19 7.61
C LYS A 127 -22.74 20.91 6.11
N GLN A 128 -22.31 19.74 5.66
CA GLN A 128 -22.40 19.36 4.26
C GLN A 128 -23.62 18.52 3.95
N GLY A 129 -24.58 18.43 4.89
CA GLY A 129 -25.82 17.73 4.65
C GLY A 129 -25.83 16.28 5.08
N PHE A 130 -24.77 15.79 5.73
CA PHE A 130 -24.76 14.40 6.16
C PHE A 130 -25.60 14.24 7.43
N SER A 131 -26.04 13.01 7.66
CA SER A 131 -26.94 12.70 8.77
C SER A 131 -26.56 11.36 9.39
N LYS A 132 -26.87 11.21 10.68
CA LYS A 132 -26.67 9.93 11.36
C LYS A 132 -27.75 8.92 11.03
N ASP A 133 -28.85 9.35 10.43
CA ASP A 133 -29.91 8.44 10.00
C ASP A 133 -29.56 7.88 8.63
N ILE A 134 -29.41 6.57 8.55
CA ILE A 134 -28.89 5.90 7.36
C ILE A 134 -30.05 5.22 6.65
N LYS A 135 -30.38 5.70 5.45
CA LYS A 135 -31.43 5.07 4.66
C LYS A 135 -30.91 3.86 3.88
N VAL A 136 -29.64 3.86 3.49
CA VAL A 136 -29.10 2.70 2.75
C VAL A 136 -29.08 1.48 3.67
N PRO A 137 -29.66 0.37 3.27
CA PRO A 137 -29.72 -0.81 4.16
C PRO A 137 -28.33 -1.33 4.49
N LYS A 138 -28.21 -1.91 5.69
CA LYS A 138 -26.94 -2.48 6.12
C LYS A 138 -26.47 -3.58 5.18
N SER A 139 -27.41 -4.36 4.64
CA SER A 139 -27.03 -5.42 3.70
C SER A 139 -26.38 -4.86 2.44
N ARG A 140 -26.50 -3.56 2.19
CA ARG A 140 -25.96 -2.97 0.98
C ARG A 140 -24.58 -2.36 1.17
N TYR A 141 -24.19 -1.96 2.39
CA TYR A 141 -22.90 -1.33 2.61
C TYR A 141 -21.94 -2.13 3.48
N LEU A 142 -22.44 -3.07 4.30
CA LEU A 142 -21.55 -3.84 5.15
C LEU A 142 -20.60 -4.67 4.31
N GLY A 143 -19.31 -4.62 4.63
CA GLY A 143 -18.31 -5.32 3.85
C GLY A 143 -17.91 -4.64 2.57
N TYR A 144 -18.51 -3.49 2.26
CA TYR A 144 -18.11 -2.68 1.11
C TYR A 144 -17.37 -1.43 1.55
N ILE A 145 -18.00 -0.56 2.34
CA ILE A 145 -17.25 0.52 2.97
C ILE A 145 -16.38 -0.07 4.08
N LYS A 146 -15.27 0.61 4.35
CA LYS A 146 -14.41 0.19 5.45
C LYS A 146 -14.99 0.71 6.76
N ASP A 147 -15.22 -0.19 7.70
CA ASP A 147 -15.81 0.18 8.98
C ASP A 147 -14.72 0.70 9.93
N TYR A 148 -15.08 1.71 10.72
CA TYR A 148 -14.23 2.24 11.78
C TYR A 148 -15.03 2.15 13.08
N GLU A 149 -14.67 1.20 13.93
CA GLU A 149 -15.38 1.01 15.19
C GLU A 149 -15.21 2.23 16.08
N GLY A 150 -16.29 2.58 16.78
CA GLY A 150 -16.31 3.77 17.60
C GLY A 150 -16.36 5.08 16.83
N ALA A 151 -16.50 5.03 15.51
CA ALA A 151 -16.81 6.21 14.71
C ALA A 151 -18.26 6.15 14.29
N THR A 152 -18.76 7.28 13.77
CA THR A 152 -20.18 7.42 13.46
C THR A 152 -20.40 7.32 11.95
N LEU A 153 -21.23 6.36 11.54
CA LEU A 153 -21.62 6.25 10.15
C LEU A 153 -22.53 7.40 9.77
N MET A 154 -22.20 8.10 8.68
CA MET A 154 -22.95 9.25 8.22
C MET A 154 -23.36 9.05 6.77
N GLU A 155 -24.51 9.59 6.42
CA GLU A 155 -25.08 9.44 5.08
C GLU A 155 -25.54 10.79 4.56
N CYS A 156 -25.22 11.05 3.29
CA CYS A 156 -25.74 12.22 2.58
C CYS A 156 -26.52 11.74 1.36
N GLU A 157 -27.75 12.20 1.23
CA GLU A 157 -28.58 11.94 0.06
C GLU A 157 -28.59 13.18 -0.83
N LEU A 158 -28.25 13.00 -2.09
CA LEU A 158 -28.14 14.11 -3.04
C LEU A 158 -29.43 14.26 -3.83
N ASN A 159 -29.79 15.50 -4.12
CA ASN A 159 -30.96 15.80 -4.93
C ASN A 159 -30.52 16.02 -6.37
N PRO A 160 -30.89 15.15 -7.30
CA PRO A 160 -30.41 15.28 -8.69
C PRO A 160 -31.04 16.42 -9.47
N ARG A 161 -32.07 17.08 -8.93
CA ARG A 161 -32.71 18.20 -9.59
C ARG A 161 -32.14 19.55 -9.16
N ILE A 162 -31.24 19.55 -8.19
CA ILE A 162 -30.67 20.78 -7.64
C ILE A 162 -29.29 21.00 -8.23
N PRO A 163 -28.94 22.23 -8.63
CA PRO A 163 -27.56 22.51 -9.01
C PRO A 163 -26.70 22.75 -7.78
N TYR A 164 -25.47 22.21 -7.81
CA TYR A 164 -24.57 22.31 -6.67
C TYR A 164 -23.35 23.19 -6.93
N THR A 165 -23.06 23.53 -8.17
CA THR A 165 -21.92 24.37 -8.49
C THR A 165 -22.35 25.63 -9.24
N ILE B 1 14.47 -11.18 3.73
CA ILE B 1 13.96 -10.15 4.63
C ILE B 1 14.45 -8.77 4.19
N ILE B 2 15.72 -8.68 3.81
CA ILE B 2 16.34 -7.43 3.39
C ILE B 2 16.55 -7.46 1.88
N GLU B 3 16.22 -6.36 1.21
CA GLU B 3 16.36 -6.25 -0.24
C GLU B 3 17.00 -4.92 -0.60
N PHE B 4 17.43 -4.81 -1.85
CA PHE B 4 17.99 -3.58 -2.40
C PHE B 4 17.54 -3.47 -3.86
N HIS B 5 16.88 -2.36 -4.20
CA HIS B 5 16.44 -2.13 -5.57
C HIS B 5 16.74 -0.70 -5.97
N VAL B 6 17.39 -0.52 -7.12
CA VAL B 6 17.57 0.79 -7.72
C VAL B 6 16.31 1.06 -8.53
N ILE B 7 15.42 1.90 -7.99
CA ILE B 7 14.14 2.16 -8.62
C ILE B 7 14.07 3.63 -9.04
N GLY B 8 12.96 4.01 -9.66
CA GLY B 8 12.78 5.37 -10.14
C GLY B 8 11.57 5.49 -11.03
N ASN B 9 11.07 6.71 -11.22
CA ASN B 9 9.92 6.94 -12.07
C ASN B 9 10.36 7.04 -13.53
N SER B 10 9.88 6.12 -14.36
CA SER B 10 10.28 6.07 -15.76
C SER B 10 9.48 7.09 -16.57
N LEU B 11 9.72 7.08 -17.88
CA LEU B 11 8.97 7.88 -18.85
C LEU B 11 8.84 9.33 -18.45
N ALA B 15 6.22 3.25 -14.22
CA ALA B 15 6.46 2.38 -13.07
C ALA B 15 5.18 1.72 -12.60
N ASN B 16 5.29 0.45 -12.18
CA ASN B 16 4.12 -0.29 -11.70
C ASN B 16 3.79 0.15 -10.27
N ARG B 17 2.85 -0.54 -9.63
CA ARG B 17 2.30 -0.04 -8.38
C ARG B 17 3.20 -0.34 -7.19
N ARG B 18 3.84 -1.51 -7.15
CA ARG B 18 4.71 -1.83 -6.02
C ARG B 18 5.90 -0.88 -5.95
N VAL B 19 6.48 -0.56 -7.10
CA VAL B 19 7.57 0.42 -7.14
C VAL B 19 7.02 1.82 -6.87
N LEU B 20 5.81 2.11 -7.36
CA LEU B 20 5.21 3.42 -7.14
C LEU B 20 4.98 3.68 -5.65
N LEU B 21 4.47 2.67 -4.93
CA LEU B 21 4.28 2.83 -3.49
C LEU B 21 5.60 2.83 -2.74
N TRP B 22 6.61 2.14 -3.27
CA TRP B 22 7.95 2.25 -2.69
C TRP B 22 8.47 3.67 -2.82
N LEU B 23 8.20 4.33 -3.95
CA LEU B 23 8.66 5.70 -4.14
C LEU B 23 7.94 6.67 -3.21
N VAL B 24 6.65 6.45 -2.98
CA VAL B 24 5.91 7.27 -2.03
C VAL B 24 6.44 7.05 -0.62
N GLY B 25 6.74 5.80 -0.27
CA GLY B 25 7.36 5.54 1.02
C GLY B 25 8.71 6.22 1.16
N LEU B 26 9.51 6.16 0.10
CA LEU B 26 10.80 6.86 0.11
C LEU B 26 10.61 8.36 0.29
N GLN B 27 9.66 8.96 -0.44
CA GLN B 27 9.38 10.38 -0.28
C GLN B 27 8.90 10.69 1.13
N ASN B 28 8.14 9.76 1.73
CA ASN B 28 7.68 9.96 3.10
C ASN B 28 8.84 9.92 4.09
N VAL B 29 9.72 8.92 3.97
CA VAL B 29 10.84 8.78 4.90
C VAL B 29 11.79 9.97 4.77
N PHE B 30 12.07 10.40 3.53
CA PHE B 30 12.95 11.55 3.33
C PHE B 30 12.35 12.80 3.97
N SER B 31 11.03 12.96 3.89
CA SER B 31 10.38 14.13 4.49
C SER B 31 10.50 14.10 6.01
N HIS B 32 10.18 12.95 6.62
CA HIS B 32 10.25 12.85 8.07
C HIS B 32 11.67 13.04 8.58
N GLN B 33 12.66 12.49 7.87
CA GLN B 33 14.05 12.54 8.30
C GLN B 33 14.77 13.82 7.88
N LEU B 34 14.22 14.58 6.94
CA LEU B 34 14.81 15.85 6.51
C LEU B 34 13.73 16.93 6.53
N PRO B 35 13.33 17.38 7.72
CA PRO B 35 12.17 18.29 7.81
C PRO B 35 12.39 19.63 7.13
N ARG B 36 13.63 20.10 7.05
CA ARG B 36 13.89 21.38 6.39
C ARG B 36 13.79 21.29 4.87
N MET B 37 13.75 20.09 4.30
CA MET B 37 13.58 19.95 2.86
C MET B 37 12.09 20.02 2.53
N PRO B 38 11.65 20.94 1.68
CA PRO B 38 10.23 21.00 1.31
C PRO B 38 9.77 19.67 0.71
N LYS B 39 8.61 19.20 1.17
CA LYS B 39 8.13 17.89 0.75
C LYS B 39 7.81 17.86 -0.75
N GLU B 40 7.33 18.97 -1.30
CA GLU B 40 7.12 19.04 -2.75
C GLU B 40 8.46 19.03 -3.49
N TYR B 41 9.51 19.55 -2.87
CA TYR B 41 10.86 19.47 -3.44
C TYR B 41 11.37 18.03 -3.40
N ILE B 42 11.19 17.34 -2.27
CA ILE B 42 11.56 15.93 -2.19
C ILE B 42 10.77 15.11 -3.20
N ALA B 43 9.45 15.36 -3.27
CA ALA B 43 8.62 14.61 -4.21
C ALA B 43 9.01 14.89 -5.65
N ARG B 44 9.33 16.14 -5.97
CA ARG B 44 9.71 16.49 -7.34
C ARG B 44 10.97 15.74 -7.76
N LEU B 45 11.96 15.64 -6.88
CA LEU B 45 13.22 15.00 -7.24
C LEU B 45 13.11 13.48 -7.25
N VAL B 46 12.42 12.90 -6.26
CA VAL B 46 12.27 11.45 -6.20
C VAL B 46 11.57 10.92 -7.44
N PHE B 47 10.61 11.68 -7.97
CA PHE B 47 9.88 11.27 -9.16
C PHE B 47 10.43 11.90 -10.43
N ASP B 48 11.54 12.62 -10.34
CA ASP B 48 12.19 13.15 -11.53
C ASP B 48 12.83 12.00 -12.31
N PRO B 49 12.65 11.94 -13.62
CA PRO B 49 13.15 10.77 -14.36
C PRO B 49 14.67 10.67 -14.38
N LYS B 50 15.37 11.80 -14.31
CA LYS B 50 16.83 11.78 -14.27
C LYS B 50 17.38 11.36 -12.90
N HIS B 51 16.52 11.25 -11.88
CA HIS B 51 16.95 10.81 -10.56
C HIS B 51 16.63 9.33 -10.37
N LYS B 52 17.44 8.67 -9.55
CA LYS B 52 17.20 7.30 -9.16
C LYS B 52 17.29 7.20 -7.64
N THR B 53 16.67 6.16 -7.09
CA THR B 53 16.70 5.92 -5.65
C THR B 53 17.06 4.46 -5.40
N LEU B 54 18.17 4.24 -4.70
CA LEU B 54 18.48 2.93 -4.16
C LEU B 54 17.62 2.70 -2.92
N ALA B 55 16.61 1.84 -3.04
CA ALA B 55 15.63 1.62 -1.99
C ALA B 55 16.03 0.43 -1.13
N LEU B 56 15.79 0.56 0.18
CA LEU B 56 16.09 -0.49 1.16
C LEU B 56 14.77 -1.05 1.67
N ILE B 57 14.50 -2.32 1.36
CA ILE B 57 13.22 -2.96 1.63
C ILE B 57 13.40 -4.01 2.71
N LYS B 58 12.59 -3.92 3.76
CA LYS B 58 12.54 -4.93 4.82
C LYS B 58 11.15 -5.54 4.84
N ASP B 59 11.06 -6.83 4.49
CA ASP B 59 9.81 -7.58 4.49
C ASP B 59 8.75 -6.91 3.59
N GLY B 60 9.20 -6.32 2.50
CA GLY B 60 8.31 -5.65 1.57
C GLY B 60 8.07 -4.18 1.86
N ARG B 61 8.70 -3.62 2.89
CA ARG B 61 8.44 -2.25 3.31
C ARG B 61 9.71 -1.40 3.21
N VAL B 62 9.56 -0.20 2.66
CA VAL B 62 10.67 0.74 2.58
C VAL B 62 11.08 1.16 3.98
N ILE B 63 12.37 1.04 4.28
CA ILE B 63 12.92 1.49 5.55
C ILE B 63 14.11 2.43 5.37
N GLY B 64 14.54 2.69 4.14
CA GLY B 64 15.66 3.58 3.90
C GLY B 64 15.94 3.67 2.42
N GLY B 65 16.81 4.61 2.08
CA GLY B 65 17.16 4.80 0.68
C GLY B 65 18.10 5.96 0.46
N ILE B 66 18.76 5.94 -0.70
CA ILE B 66 19.58 7.05 -1.16
C ILE B 66 19.06 7.51 -2.51
N CYS B 67 18.68 8.78 -2.60
CA CYS B 67 18.30 9.38 -3.88
C CYS B 67 19.53 10.06 -4.47
N PHE B 68 19.81 9.76 -5.74
CA PHE B 68 21.04 10.25 -6.37
C PHE B 68 20.76 10.62 -7.82
N ARG B 69 21.63 11.49 -8.35
CA ARG B 69 21.55 11.95 -9.72
C ARG B 69 22.87 11.62 -10.40
N MET B 70 22.83 10.68 -11.34
CA MET B 70 24.03 10.32 -12.09
C MET B 70 24.32 11.36 -13.15
N PHE B 71 25.59 11.79 -13.23
CA PHE B 71 26.07 12.70 -14.28
C PHE B 71 27.18 12.00 -15.04
N PRO B 72 26.87 10.98 -15.83
CA PRO B 72 27.94 10.24 -16.52
C PRO B 72 28.79 11.10 -17.44
N THR B 73 28.19 12.06 -18.14
CA THR B 73 28.97 12.93 -19.00
C THR B 73 29.91 13.83 -18.21
N GLN B 74 29.61 14.08 -16.93
CA GLN B 74 30.48 14.86 -16.06
C GLN B 74 31.39 14.00 -15.21
N GLY B 75 31.12 12.70 -15.11
CA GLY B 75 31.99 11.79 -14.41
C GLY B 75 31.74 11.62 -12.93
N PHE B 76 30.54 11.96 -12.44
CA PHE B 76 30.27 11.82 -11.02
C PHE B 76 28.76 11.66 -10.80
N THR B 77 28.41 11.33 -9.57
CA THR B 77 27.02 11.25 -9.13
C THR B 77 26.80 12.19 -7.95
N GLU B 78 25.68 12.90 -7.97
CA GLU B 78 25.30 13.77 -6.87
C GLU B 78 24.42 13.00 -5.88
N ILE B 79 24.75 13.10 -4.59
CA ILE B 79 23.95 12.48 -3.54
C ILE B 79 22.89 13.48 -3.10
N VAL B 80 21.62 13.15 -3.36
CA VAL B 80 20.53 14.11 -3.16
C VAL B 80 19.90 13.94 -1.78
N PHE B 81 19.39 12.75 -1.48
CA PHE B 81 18.79 12.45 -0.18
C PHE B 81 19.31 11.11 0.34
N CYS B 82 19.64 11.08 1.64
CA CYS B 82 19.94 9.86 2.38
C CYS B 82 19.09 9.82 3.63
N ALA B 83 18.49 8.66 3.92
CA ALA B 83 17.68 8.54 5.13
C ALA B 83 17.43 7.07 5.44
N VAL B 84 17.37 6.78 6.73
CA VAL B 84 16.88 5.51 7.26
C VAL B 84 15.83 5.85 8.31
N THR B 85 14.73 5.08 8.31
CA THR B 85 13.61 5.40 9.21
C THR B 85 14.08 5.42 10.66
N SER B 86 13.30 6.12 11.49
CA SER B 86 13.77 6.49 12.83
C SER B 86 14.12 5.28 13.68
N ASN B 87 13.25 4.27 13.69
CA ASN B 87 13.44 3.15 14.59
C ASN B 87 14.47 2.15 14.09
N GLU B 88 14.83 2.20 12.80
CA GLU B 88 15.80 1.27 12.24
C GLU B 88 17.19 1.88 12.10
N GLN B 89 17.39 3.10 12.59
CA GLN B 89 18.69 3.74 12.51
C GLN B 89 19.68 3.09 13.47
N VAL B 90 20.95 3.48 13.34
CA VAL B 90 22.07 2.98 14.13
C VAL B 90 22.01 1.46 14.16
N LYS B 91 21.95 0.86 12.97
CA LYS B 91 21.99 -0.59 12.84
C LYS B 91 22.90 -1.04 11.70
N GLY B 92 23.55 -0.12 11.00
CA GLY B 92 24.37 -0.46 9.86
C GLY B 92 23.69 -0.28 8.51
N TYR B 93 22.38 0.00 8.49
CA TYR B 93 21.66 0.11 7.23
C TYR B 93 22.18 1.26 6.38
N GLY B 94 22.53 2.38 7.02
CA GLY B 94 23.06 3.51 6.28
C GLY B 94 24.37 3.19 5.58
N THR B 95 25.24 2.41 6.24
CA THR B 95 26.49 2.00 5.63
C THR B 95 26.25 0.98 4.53
N HIS B 96 25.34 0.04 4.76
CA HIS B 96 25.01 -0.95 3.74
C HIS B 96 24.46 -0.28 2.49
N LEU B 97 23.63 0.74 2.66
CA LEU B 97 23.08 1.47 1.52
C LEU B 97 24.19 2.12 0.71
N MET B 98 25.07 2.86 1.36
CA MET B 98 26.14 3.54 0.64
C MET B 98 27.07 2.53 -0.04
N ASN B 99 27.38 1.42 0.63
CA ASN B 99 28.23 0.40 0.03
C ASN B 99 27.61 -0.16 -1.24
N HIS B 100 26.29 -0.44 -1.20
CA HIS B 100 25.60 -0.92 -2.39
C HIS B 100 25.61 0.12 -3.49
N LEU B 101 25.43 1.40 -3.12
CA LEU B 101 25.51 2.46 -4.10
C LEU B 101 26.89 2.53 -4.75
N LYS B 102 27.94 2.31 -3.95
CA LYS B 102 29.29 2.31 -4.49
C LYS B 102 29.49 1.16 -5.47
N GLU B 103 29.04 -0.04 -5.11
CA GLU B 103 29.18 -1.20 -6.00
C GLU B 103 28.41 -0.98 -7.30
N TYR B 104 27.22 -0.40 -7.21
CA TYR B 104 26.43 -0.12 -8.42
C TYR B 104 27.14 0.89 -9.31
N HIS B 105 27.87 1.84 -8.73
CA HIS B 105 28.47 2.91 -9.52
C HIS B 105 29.79 2.49 -10.17
N ILE B 106 30.59 1.66 -9.49
CA ILE B 106 31.79 1.15 -10.15
C ILE B 106 31.40 0.23 -11.31
N LYS B 107 30.25 -0.44 -11.21
CA LYS B 107 29.75 -1.22 -12.33
C LYS B 107 29.32 -0.35 -13.49
N HIS B 108 28.98 0.92 -13.24
CA HIS B 108 28.68 1.89 -14.28
C HIS B 108 29.85 2.82 -14.56
N ASN B 109 31.03 2.51 -14.03
CA ASN B 109 32.26 3.24 -14.29
C ASN B 109 32.14 4.72 -13.94
N ILE B 110 31.38 5.03 -12.89
CA ILE B 110 31.35 6.34 -12.27
C ILE B 110 32.00 6.20 -10.90
N LEU B 111 33.07 6.97 -10.66
CA LEU B 111 33.96 6.73 -9.53
C LEU B 111 34.04 7.92 -8.56
N TYR B 112 33.11 8.86 -8.63
CA TYR B 112 33.13 10.03 -7.76
C TYR B 112 31.72 10.35 -7.29
N PHE B 113 31.58 10.56 -5.98
CA PHE B 113 30.35 11.05 -5.38
C PHE B 113 30.56 12.48 -4.89
N LEU B 114 29.55 13.33 -5.12
CA LEU B 114 29.56 14.68 -4.60
C LEU B 114 28.27 14.92 -3.84
N THR B 115 28.37 15.68 -2.74
CA THR B 115 27.22 15.95 -1.90
C THR B 115 27.50 17.18 -1.04
N TYR B 116 26.41 17.80 -0.58
CA TYR B 116 26.47 18.91 0.35
C TYR B 116 25.88 18.45 1.68
N ALA B 117 26.71 18.44 2.73
CA ALA B 117 26.30 17.98 4.04
C ALA B 117 26.28 19.13 5.02
N ASP B 118 25.20 19.26 5.78
CA ASP B 118 25.15 20.23 6.86
C ASP B 118 25.80 19.63 8.11
N GLU B 119 25.80 20.41 9.20
CA GLU B 119 26.53 20.01 10.39
C GLU B 119 25.99 18.70 10.96
N TYR B 120 24.67 18.48 10.86
CA TYR B 120 24.10 17.25 11.39
C TYR B 120 24.50 16.02 10.58
N ALA B 121 24.92 16.19 9.33
CA ALA B 121 25.16 15.06 8.43
C ALA B 121 26.62 14.78 8.15
N ILE B 122 27.52 15.73 8.41
CA ILE B 122 28.91 15.61 7.95
C ILE B 122 29.59 14.38 8.53
N GLY B 123 29.24 14.00 9.76
CA GLY B 123 29.93 12.90 10.41
C GLY B 123 29.69 11.56 9.74
N TYR B 124 28.46 11.32 9.31
CA TYR B 124 28.15 10.04 8.65
C TYR B 124 28.89 9.91 7.32
N PHE B 125 29.00 11.01 6.56
CA PHE B 125 29.68 10.95 5.28
C PHE B 125 31.18 10.73 5.47
N LYS B 126 31.76 11.31 6.53
CA LYS B 126 33.16 11.05 6.84
C LYS B 126 33.38 9.57 7.13
N LYS B 127 32.43 8.92 7.82
CA LYS B 127 32.53 7.49 8.06
C LYS B 127 32.33 6.69 6.77
N GLN B 128 31.61 7.25 5.79
CA GLN B 128 31.42 6.58 4.51
C GLN B 128 32.58 6.83 3.54
N GLY B 129 33.63 7.53 3.97
CA GLY B 129 34.77 7.80 3.13
C GLY B 129 34.76 9.11 2.39
N PHE B 130 33.83 10.02 2.69
CA PHE B 130 33.78 11.31 2.03
C PHE B 130 34.81 12.25 2.65
N SER B 131 35.23 13.23 1.86
CA SER B 131 36.24 14.19 2.28
C SER B 131 35.86 15.58 1.82
N LYS B 132 36.36 16.59 2.55
CA LYS B 132 36.17 17.98 2.18
C LYS B 132 37.18 18.46 1.14
N ASP B 133 38.24 17.69 0.90
CA ASP B 133 39.15 17.97 -0.20
C ASP B 133 38.52 17.47 -1.50
N ILE B 134 38.25 18.38 -2.42
CA ILE B 134 37.46 18.10 -3.61
C ILE B 134 38.41 18.01 -4.80
N LYS B 135 38.52 16.82 -5.40
CA LYS B 135 39.33 16.65 -6.59
C LYS B 135 38.60 17.00 -7.87
N VAL B 136 37.29 16.79 -7.93
CA VAL B 136 36.55 17.16 -9.14
C VAL B 136 36.63 18.66 -9.35
N PRO B 137 37.09 19.16 -10.50
CA PRO B 137 37.22 20.61 -10.70
C PRO B 137 35.87 21.32 -10.59
N LYS B 138 35.93 22.55 -10.09
CA LYS B 138 34.72 23.37 -9.96
C LYS B 138 34.02 23.53 -11.30
N SER B 139 34.79 23.73 -12.37
CA SER B 139 34.19 23.87 -13.70
C SER B 139 33.42 22.63 -14.14
N ARG B 140 33.54 21.52 -13.40
CA ARG B 140 32.86 20.29 -13.79
C ARG B 140 31.59 20.02 -12.99
N TYR B 141 31.48 20.56 -11.77
CA TYR B 141 30.27 20.32 -10.98
C TYR B 141 29.40 21.56 -10.78
N LEU B 142 29.97 22.76 -10.87
CA LEU B 142 29.17 23.96 -10.65
C LEU B 142 28.07 24.07 -11.69
N GLY B 143 26.85 24.32 -11.22
CA GLY B 143 25.69 24.36 -12.09
C GLY B 143 25.08 23.01 -12.39
N TYR B 144 25.75 21.92 -12.05
CA TYR B 144 25.20 20.57 -12.21
C TYR B 144 24.63 20.04 -10.91
N ILE B 145 25.47 19.94 -9.87
CA ILE B 145 24.96 19.67 -8.55
C ILE B 145 24.28 20.92 -8.00
N LYS B 146 23.31 20.72 -7.12
CA LYS B 146 22.60 21.84 -6.51
C LYS B 146 23.38 22.35 -5.33
N ASP B 147 23.72 23.63 -5.34
CA ASP B 147 24.49 24.22 -4.26
C ASP B 147 23.60 24.46 -3.04
N TYR B 148 24.21 24.31 -1.87
CA TYR B 148 23.56 24.64 -0.60
C TYR B 148 24.49 25.56 0.16
N GLU B 149 24.13 26.84 0.26
CA GLU B 149 24.94 27.80 0.98
C GLU B 149 25.03 27.42 2.46
N GLY B 150 26.22 27.58 3.03
CA GLY B 150 26.47 27.19 4.40
C GLY B 150 26.73 25.72 4.60
N ALA B 151 26.31 24.87 3.68
CA ALA B 151 26.65 23.46 3.74
C ALA B 151 28.09 23.25 3.24
N THR B 152 28.61 22.05 3.48
CA THR B 152 29.98 21.71 3.12
C THR B 152 29.96 20.71 1.97
N LEU B 153 30.56 21.11 0.84
CA LEU B 153 30.73 20.18 -0.27
C LEU B 153 31.66 19.05 0.12
N MET B 154 31.28 17.81 -0.19
CA MET B 154 32.07 16.66 0.19
C MET B 154 32.13 15.67 -0.97
N GLU B 155 33.24 14.95 -1.04
CA GLU B 155 33.55 14.09 -2.18
C GLU B 155 34.05 12.74 -1.70
N CYS B 156 33.58 11.68 -2.35
CA CYS B 156 34.07 10.32 -2.12
C CYS B 156 34.54 9.74 -3.43
N GLU B 157 35.78 9.27 -3.46
CA GLU B 157 36.36 8.63 -4.62
C GLU B 157 36.28 7.11 -4.43
N LEU B 158 35.79 6.43 -5.45
CA LEU B 158 35.57 4.98 -5.40
C LEU B 158 36.76 4.25 -6.03
N ASN B 159 37.03 3.05 -5.51
CA ASN B 159 38.04 2.18 -6.09
C ASN B 159 37.35 1.07 -6.88
N PRO B 160 37.53 1.00 -8.20
CA PRO B 160 36.80 0.00 -9.00
C PRO B 160 37.37 -1.41 -8.89
N ARG B 161 38.54 -1.59 -8.29
CA ARG B 161 39.12 -2.92 -8.13
C ARG B 161 38.78 -3.54 -6.78
N ILE B 162 37.96 -2.88 -5.98
CA ILE B 162 37.60 -3.34 -4.64
C ILE B 162 36.13 -3.73 -4.64
N PRO B 163 35.75 -4.84 -4.01
CA PRO B 163 34.33 -5.13 -3.81
C PRO B 163 33.80 -4.44 -2.56
N TYR B 164 32.59 -3.89 -2.68
CA TYR B 164 31.99 -3.16 -1.57
C TYR B 164 30.86 -3.92 -0.88
N THR B 165 30.17 -4.80 -1.59
CA THR B 165 29.14 -5.65 -0.98
C THR B 165 29.65 -7.07 -0.79
N ILE C 1 14.32 -22.74 3.65
CA ILE C 1 13.84 -21.80 2.65
C ILE C 1 12.34 -21.95 2.47
N ILE C 2 11.58 -20.92 2.87
CA ILE C 2 10.13 -20.98 2.93
C ILE C 2 9.56 -19.80 2.16
N GLU C 3 8.62 -20.09 1.26
CA GLU C 3 8.00 -19.06 0.43
C GLU C 3 6.49 -19.23 0.45
N PHE C 4 5.79 -18.17 0.02
CA PHE C 4 4.34 -18.17 -0.08
C PHE C 4 3.95 -17.77 -1.49
N HIS C 5 3.13 -18.59 -2.13
CA HIS C 5 2.68 -18.35 -3.50
C HIS C 5 1.18 -18.49 -3.56
N VAL C 6 0.49 -17.46 -4.05
CA VAL C 6 -0.93 -17.56 -4.37
C VAL C 6 -1.02 -18.14 -5.77
N ILE C 7 -1.35 -19.42 -5.87
CA ILE C 7 -1.39 -20.10 -7.16
C ILE C 7 -2.80 -20.57 -7.46
N GLY C 8 -3.00 -21.15 -8.64
CA GLY C 8 -4.30 -21.65 -9.03
C GLY C 8 -4.36 -21.95 -10.51
N ASN C 9 -5.24 -22.86 -10.90
CA ASN C 9 -5.38 -23.22 -12.30
C ASN C 9 -5.97 -22.05 -13.08
N SER C 10 -5.20 -21.51 -14.01
CA SER C 10 -5.62 -20.39 -14.84
C SER C 10 -6.20 -20.88 -16.16
N LEU C 11 -6.86 -19.97 -16.87
CA LEU C 11 -7.45 -20.26 -18.18
C LEU C 11 -8.43 -21.42 -18.12
N ALA C 15 -1.60 -24.56 -15.41
CA ALA C 15 -0.95 -23.60 -16.29
C ALA C 15 0.54 -23.91 -16.44
N ASN C 16 1.27 -23.77 -15.34
CA ASN C 16 2.70 -24.02 -15.27
C ASN C 16 2.94 -25.38 -14.62
N ARG C 17 4.02 -26.05 -15.05
CA ARG C 17 4.32 -27.39 -14.52
C ARG C 17 4.71 -27.34 -13.06
N ARG C 18 5.54 -26.37 -12.68
CA ARG C 18 5.89 -26.21 -11.26
C ARG C 18 4.66 -25.87 -10.44
N VAL C 19 3.75 -25.05 -10.98
CA VAL C 19 2.51 -24.76 -10.29
C VAL C 19 1.59 -25.97 -10.32
N LEU C 20 1.62 -26.74 -11.41
CA LEU C 20 0.77 -27.92 -11.53
C LEU C 20 1.10 -28.94 -10.45
N LEU C 21 2.38 -29.30 -10.31
CA LEU C 21 2.77 -30.29 -9.31
C LEU C 21 2.54 -29.79 -7.90
N TRP C 22 2.65 -28.47 -7.69
CA TRP C 22 2.27 -27.91 -6.40
C TRP C 22 0.78 -28.11 -6.13
N LEU C 23 -0.06 -27.90 -7.15
CA LEU C 23 -1.49 -28.09 -6.99
C LEU C 23 -1.82 -29.55 -6.69
N VAL C 24 -1.13 -30.48 -7.36
CA VAL C 24 -1.30 -31.90 -7.04
C VAL C 24 -0.84 -32.18 -5.62
N GLY C 25 0.30 -31.61 -5.23
CA GLY C 25 0.74 -31.75 -3.85
C GLY C 25 -0.27 -31.19 -2.87
N LEU C 26 -0.84 -30.03 -3.20
CA LEU C 26 -1.89 -29.46 -2.35
C LEU C 26 -3.11 -30.36 -2.31
N GLN C 27 -3.52 -30.90 -3.46
CA GLN C 27 -4.63 -31.85 -3.48
C GLN C 27 -4.32 -33.08 -2.64
N ASN C 28 -3.06 -33.53 -2.67
CA ASN C 28 -2.67 -34.68 -1.85
C ASN C 28 -2.72 -34.34 -0.36
N VAL C 29 -2.15 -33.19 0.02
CA VAL C 29 -2.07 -32.85 1.44
C VAL C 29 -3.47 -32.58 2.01
N PHE C 30 -4.27 -31.79 1.30
CA PHE C 30 -5.65 -31.53 1.72
C PHE C 30 -6.38 -32.85 1.95
N SER C 31 -6.26 -33.79 1.01
CA SER C 31 -7.01 -35.03 1.10
C SER C 31 -6.54 -35.89 2.26
N HIS C 32 -5.23 -35.94 2.49
CA HIS C 32 -4.73 -36.72 3.62
C HIS C 32 -5.11 -36.09 4.94
N GLN C 33 -5.06 -34.76 5.04
CA GLN C 33 -5.40 -34.08 6.28
C GLN C 33 -6.90 -33.91 6.47
N LEU C 34 -7.70 -34.10 5.43
CA LEU C 34 -9.15 -34.01 5.50
C LEU C 34 -9.75 -35.29 4.93
N PRO C 35 -9.61 -36.41 5.65
CA PRO C 35 -10.03 -37.70 5.08
C PRO C 35 -11.52 -37.83 4.85
N ARG C 36 -12.35 -37.08 5.58
CA ARG C 36 -13.79 -37.14 5.37
C ARG C 36 -14.24 -36.34 4.15
N MET C 37 -13.34 -35.61 3.50
CA MET C 37 -13.60 -34.90 2.25
C MET C 37 -13.36 -35.84 1.07
N PRO C 38 -14.27 -35.91 0.09
CA PRO C 38 -13.99 -36.71 -1.10
C PRO C 38 -12.79 -36.14 -1.86
N LYS C 39 -11.90 -37.03 -2.29
CA LYS C 39 -10.68 -36.61 -2.98
C LYS C 39 -11.00 -35.87 -4.27
N GLU C 40 -11.96 -36.39 -5.05
CA GLU C 40 -12.32 -35.76 -6.31
C GLU C 40 -13.04 -34.45 -6.09
N TYR C 41 -13.70 -34.30 -4.93
CA TYR C 41 -14.26 -33.01 -4.56
C TYR C 41 -13.16 -32.00 -4.27
N ILE C 42 -12.13 -32.42 -3.51
CA ILE C 42 -10.99 -31.55 -3.26
C ILE C 42 -10.30 -31.20 -4.58
N ALA C 43 -10.08 -32.21 -5.43
CA ALA C 43 -9.43 -31.97 -6.72
C ALA C 43 -10.22 -30.98 -7.57
N ARG C 44 -11.54 -31.12 -7.62
CA ARG C 44 -12.35 -30.22 -8.42
C ARG C 44 -12.21 -28.77 -7.97
N LEU C 45 -12.22 -28.54 -6.65
CA LEU C 45 -12.14 -27.17 -6.15
C LEU C 45 -10.73 -26.60 -6.30
N VAL C 46 -9.71 -27.39 -5.99
CA VAL C 46 -8.32 -26.93 -6.10
C VAL C 46 -8.03 -26.51 -7.54
N PHE C 47 -8.58 -27.24 -8.51
CA PHE C 47 -8.36 -26.94 -9.91
C PHE C 47 -9.46 -26.09 -10.52
N ASP C 48 -10.37 -25.57 -9.71
CA ASP C 48 -11.42 -24.68 -10.20
C ASP C 48 -10.83 -23.30 -10.48
N PRO C 49 -11.07 -22.72 -11.66
CA PRO C 49 -10.43 -21.43 -11.97
C PRO C 49 -10.91 -20.28 -11.09
N LYS C 50 -12.06 -20.41 -10.44
CA LYS C 50 -12.49 -19.39 -9.49
C LYS C 50 -11.90 -19.59 -8.10
N HIS C 51 -11.16 -20.68 -7.87
CA HIS C 51 -10.53 -20.93 -6.58
C HIS C 51 -9.03 -20.66 -6.67
N LYS C 52 -8.47 -20.16 -5.57
CA LYS C 52 -7.04 -19.98 -5.45
C LYS C 52 -6.54 -20.72 -4.21
N THR C 53 -5.25 -21.02 -4.19
CA THR C 53 -4.63 -21.63 -3.02
C THR C 53 -3.35 -20.89 -2.69
N LEU C 54 -3.24 -20.45 -1.45
CA LEU C 54 -1.99 -19.90 -0.94
C LEU C 54 -1.11 -21.07 -0.49
N ALA C 55 -0.09 -21.39 -1.28
CA ALA C 55 0.72 -22.57 -1.02
C ALA C 55 1.91 -22.22 -0.13
N LEU C 56 2.20 -23.10 0.83
CA LEU C 56 3.37 -22.99 1.69
C LEU C 56 4.44 -23.94 1.17
N ILE C 57 5.56 -23.36 0.74
CA ILE C 57 6.61 -24.11 0.04
C ILE C 57 7.87 -24.08 0.90
N LYS C 58 8.25 -25.24 1.44
CA LYS C 58 9.49 -25.39 2.20
C LYS C 58 10.47 -26.18 1.35
N ASP C 59 11.57 -25.52 0.94
CA ASP C 59 12.63 -26.15 0.16
C ASP C 59 12.09 -26.74 -1.14
N GLY C 60 11.17 -26.02 -1.78
CA GLY C 60 10.69 -26.38 -3.10
C GLY C 60 9.46 -27.28 -3.13
N ARG C 61 9.08 -27.89 -2.01
CA ARG C 61 7.98 -28.83 -1.99
C ARG C 61 6.85 -28.32 -1.09
N VAL C 62 5.62 -28.67 -1.47
CA VAL C 62 4.44 -28.23 -0.73
C VAL C 62 4.41 -28.89 0.64
N ILE C 63 4.11 -28.11 1.67
CA ILE C 63 3.95 -28.64 3.02
C ILE C 63 2.65 -28.12 3.64
N GLY C 64 1.97 -27.21 2.96
CA GLY C 64 0.72 -26.69 3.46
C GLY C 64 0.13 -25.69 2.50
N GLY C 65 -1.08 -25.26 2.81
CA GLY C 65 -1.75 -24.29 1.97
C GLY C 65 -3.17 -24.04 2.46
N ILE C 66 -3.75 -22.96 1.95
CA ILE C 66 -5.12 -22.58 2.22
C ILE C 66 -5.80 -22.33 0.88
N CYS C 67 -6.82 -23.14 0.58
CA CYS C 67 -7.63 -22.97 -0.61
C CYS C 67 -8.82 -22.07 -0.29
N PHE C 68 -9.11 -21.11 -1.17
CA PHE C 68 -10.13 -20.12 -0.87
C PHE C 68 -10.79 -19.65 -2.16
N ARG C 69 -12.01 -19.12 -2.01
CA ARG C 69 -12.81 -18.60 -3.10
C ARG C 69 -13.12 -17.14 -2.77
N MET C 70 -12.58 -16.21 -3.57
CA MET C 70 -12.89 -14.81 -3.39
C MET C 70 -14.24 -14.48 -4.01
N PHE C 71 -15.04 -13.71 -3.29
CA PHE C 71 -16.32 -13.20 -3.78
C PHE C 71 -16.29 -11.67 -3.68
N PRO C 72 -15.54 -11.02 -4.58
CA PRO C 72 -15.41 -9.54 -4.48
C PRO C 72 -16.74 -8.81 -4.58
N THR C 73 -17.67 -9.28 -5.43
CA THR C 73 -18.95 -8.60 -5.55
C THR C 73 -19.81 -8.81 -4.31
N GLN C 74 -19.52 -9.84 -3.51
CA GLN C 74 -20.23 -10.09 -2.26
C GLN C 74 -19.53 -9.51 -1.05
N GLY C 75 -18.26 -9.12 -1.17
CA GLY C 75 -17.55 -8.49 -0.09
C GLY C 75 -16.83 -9.42 0.88
N PHE C 76 -16.69 -10.70 0.54
CA PHE C 76 -16.02 -11.63 1.44
C PHE C 76 -15.28 -12.68 0.63
N THR C 77 -14.49 -13.50 1.35
CA THR C 77 -13.81 -14.65 0.79
C THR C 77 -14.16 -15.87 1.61
N GLU C 78 -14.46 -16.97 0.94
CA GLU C 78 -14.77 -18.24 1.59
C GLU C 78 -13.49 -19.07 1.70
N ILE C 79 -13.21 -19.54 2.91
CA ILE C 79 -12.06 -20.41 3.15
C ILE C 79 -12.52 -21.85 2.98
N VAL C 80 -11.89 -22.55 2.05
CA VAL C 80 -12.36 -23.87 1.61
C VAL C 80 -11.58 -25.00 2.28
N PHE C 81 -10.26 -24.99 2.19
CA PHE C 81 -9.43 -26.01 2.81
C PHE C 81 -8.24 -25.35 3.50
N CYS C 82 -7.88 -25.87 4.68
CA CYS C 82 -6.66 -25.50 5.38
C CYS C 82 -5.95 -26.77 5.82
N ALA C 83 -4.67 -26.89 5.51
CA ALA C 83 -3.94 -28.08 5.90
C ALA C 83 -2.45 -27.78 5.95
N VAL C 84 -1.78 -28.40 6.91
CA VAL C 84 -0.32 -28.52 6.95
C VAL C 84 0.01 -29.99 7.11
N THR C 85 1.00 -30.47 6.37
CA THR C 85 1.39 -31.87 6.45
C THR C 85 1.75 -32.23 7.90
N SER C 86 1.50 -33.48 8.26
CA SER C 86 1.51 -33.88 9.66
C SER C 86 2.86 -33.62 10.33
N ASN C 87 3.95 -33.82 9.59
CA ASN C 87 5.28 -33.65 10.17
C ASN C 87 5.69 -32.18 10.28
N GLU C 88 4.86 -31.25 9.79
CA GLU C 88 5.16 -29.83 9.91
C GLU C 88 4.12 -29.09 10.75
N GLN C 89 3.22 -29.80 11.41
CA GLN C 89 2.23 -29.16 12.26
C GLN C 89 2.84 -28.77 13.60
N VAL C 90 2.12 -27.93 14.34
CA VAL C 90 2.55 -27.40 15.64
C VAL C 90 3.93 -26.76 15.46
N LYS C 91 4.03 -25.79 14.55
CA LYS C 91 5.24 -25.01 14.34
C LYS C 91 4.95 -23.57 13.98
N GLY C 92 3.69 -23.15 13.97
CA GLY C 92 3.33 -21.82 13.52
C GLY C 92 3.08 -21.69 12.05
N TYR C 93 3.10 -22.79 11.29
CA TYR C 93 2.90 -22.71 9.85
C TYR C 93 1.46 -22.36 9.51
N GLY C 94 0.49 -22.97 10.21
CA GLY C 94 -0.90 -22.63 9.96
C GLY C 94 -1.24 -21.19 10.28
N THR C 95 -0.58 -20.62 11.30
CA THR C 95 -0.82 -19.24 11.67
C THR C 95 -0.21 -18.28 10.65
N HIS C 96 1.02 -18.57 10.22
CA HIS C 96 1.65 -17.74 9.19
C HIS C 96 0.87 -17.79 7.88
N LEU C 97 0.30 -18.94 7.56
CA LEU C 97 -0.54 -19.04 6.37
C LEU C 97 -1.74 -18.10 6.47
N MET C 98 -2.45 -18.14 7.60
CA MET C 98 -3.60 -17.28 7.79
C MET C 98 -3.21 -15.80 7.73
N ASN C 99 -2.06 -15.45 8.31
CA ASN C 99 -1.63 -14.05 8.32
C ASN C 99 -1.29 -13.58 6.90
N HIS C 100 -0.61 -14.42 6.12
CA HIS C 100 -0.32 -14.05 4.74
C HIS C 100 -1.61 -13.92 3.93
N LEU C 101 -2.59 -14.78 4.21
CA LEU C 101 -3.87 -14.67 3.52
C LEU C 101 -4.57 -13.36 3.87
N LYS C 102 -4.50 -12.94 5.13
CA LYS C 102 -5.11 -11.69 5.54
C LYS C 102 -4.47 -10.50 4.85
N GLU C 103 -3.13 -10.49 4.77
CA GLU C 103 -2.44 -9.40 4.07
C GLU C 103 -2.84 -9.34 2.61
N TYR C 104 -2.91 -10.50 1.95
CA TYR C 104 -3.27 -10.54 0.54
C TYR C 104 -4.66 -9.95 0.30
N HIS C 105 -5.60 -10.22 1.22
CA HIS C 105 -6.96 -9.74 1.03
C HIS C 105 -7.12 -8.26 1.39
N ILE C 106 -6.26 -7.73 2.27
CA ILE C 106 -6.28 -6.29 2.54
C ILE C 106 -5.90 -5.52 1.29
N LYS C 107 -4.87 -5.99 0.57
CA LYS C 107 -4.48 -5.33 -0.67
C LYS C 107 -5.56 -5.43 -1.74
N HIS C 108 -6.50 -6.37 -1.60
CA HIS C 108 -7.62 -6.51 -2.53
C HIS C 108 -8.91 -5.93 -1.96
N ASN C 109 -8.85 -5.28 -0.80
CA ASN C 109 -10.01 -4.62 -0.19
C ASN C 109 -11.16 -5.60 0.06
N ILE C 110 -10.82 -6.82 0.46
CA ILE C 110 -11.77 -7.80 0.95
C ILE C 110 -11.45 -8.02 2.43
N LEU C 111 -12.40 -7.68 3.30
CA LEU C 111 -12.11 -7.59 4.73
C LEU C 111 -12.86 -8.61 5.57
N TYR C 112 -13.46 -9.63 4.94
CA TYR C 112 -14.23 -10.61 5.69
C TYR C 112 -13.91 -12.02 5.19
N PHE C 113 -13.66 -12.92 6.13
CA PHE C 113 -13.53 -14.35 5.85
C PHE C 113 -14.73 -15.08 6.42
N LEU C 114 -15.24 -16.06 5.68
CA LEU C 114 -16.30 -16.94 6.15
C LEU C 114 -15.88 -18.39 5.94
N THR C 115 -16.28 -19.25 6.86
CA THR C 115 -15.88 -20.66 6.79
C THR C 115 -16.80 -21.48 7.67
N TYR C 116 -16.76 -22.80 7.45
CA TYR C 116 -17.53 -23.77 8.22
C TYR C 116 -16.55 -24.71 8.91
N ALA C 117 -16.51 -24.67 10.23
CA ALA C 117 -15.48 -25.38 11.01
C ALA C 117 -16.05 -26.63 11.66
N ASP C 118 -15.31 -27.73 11.57
CA ASP C 118 -15.60 -28.92 12.35
C ASP C 118 -15.54 -28.61 13.85
N GLU C 119 -16.03 -29.56 14.65
CA GLU C 119 -15.75 -29.51 16.07
C GLU C 119 -14.26 -29.65 16.35
N TYR C 120 -13.51 -30.25 15.41
CA TYR C 120 -12.09 -30.47 15.56
C TYR C 120 -11.24 -29.30 15.06
N ALA C 121 -11.76 -28.50 14.13
CA ALA C 121 -11.02 -27.37 13.60
C ALA C 121 -11.46 -26.02 14.18
N ILE C 122 -12.62 -25.98 14.83
CA ILE C 122 -13.17 -24.72 15.33
C ILE C 122 -12.20 -24.04 16.28
N GLY C 123 -11.39 -24.81 17.01
CA GLY C 123 -10.41 -24.21 17.90
C GLY C 123 -9.33 -23.46 17.14
N TYR C 124 -8.87 -24.00 16.01
CA TYR C 124 -7.85 -23.32 15.24
C TYR C 124 -8.35 -21.99 14.70
N PHE C 125 -9.61 -21.93 14.29
CA PHE C 125 -10.14 -20.69 13.71
C PHE C 125 -10.37 -19.64 14.79
N LYS C 126 -10.78 -20.06 15.99
CA LYS C 126 -10.88 -19.10 17.10
C LYS C 126 -9.53 -18.46 17.38
N LYS C 127 -8.45 -19.24 17.30
CA LYS C 127 -7.12 -18.69 17.53
C LYS C 127 -6.70 -17.74 16.41
N GLN C 128 -7.21 -17.94 15.19
CA GLN C 128 -6.92 -17.04 14.09
C GLN C 128 -7.84 -15.83 14.05
N GLY C 129 -8.62 -15.60 15.12
CA GLY C 129 -9.47 -14.44 15.22
C GLY C 129 -10.90 -14.64 14.72
N PHE C 130 -11.28 -15.85 14.34
CA PHE C 130 -12.63 -16.09 13.85
C PHE C 130 -13.60 -16.14 15.02
N SER C 131 -14.86 -15.80 14.73
CA SER C 131 -15.90 -15.78 15.75
C SER C 131 -17.16 -16.44 15.19
N LYS C 132 -17.99 -16.93 16.10
CA LYS C 132 -19.29 -17.47 15.73
C LYS C 132 -20.32 -16.38 15.49
N ASP C 133 -19.99 -15.13 15.81
CA ASP C 133 -20.86 -13.98 15.54
C ASP C 133 -20.60 -13.53 14.10
N ILE C 134 -21.61 -13.66 13.25
CA ILE C 134 -21.46 -13.41 11.81
C ILE C 134 -22.08 -12.06 11.50
N LYS C 135 -21.25 -11.10 11.09
CA LYS C 135 -21.77 -9.78 10.72
C LYS C 135 -22.31 -9.75 9.30
N VAL C 136 -21.75 -10.55 8.39
CA VAL C 136 -22.21 -10.56 7.01
C VAL C 136 -23.63 -11.10 6.96
N PRO C 137 -24.59 -10.35 6.40
CA PRO C 137 -25.99 -10.81 6.39
C PRO C 137 -26.14 -12.13 5.65
N LYS C 138 -27.14 -12.91 6.07
CA LYS C 138 -27.38 -14.20 5.45
C LYS C 138 -27.73 -14.05 3.97
N SER C 139 -28.46 -12.99 3.61
CA SER C 139 -28.81 -12.74 2.22
C SER C 139 -27.58 -12.49 1.36
N ARG C 140 -26.39 -12.33 1.95
CA ARG C 140 -25.19 -12.06 1.18
C ARG C 140 -24.28 -13.27 1.04
N TYR C 141 -24.34 -14.24 1.94
CA TYR C 141 -23.51 -15.44 1.82
C TYR C 141 -24.27 -16.70 1.45
N LEU C 142 -25.56 -16.76 1.74
CA LEU C 142 -26.31 -17.98 1.47
C LEU C 142 -26.42 -18.21 -0.03
N GLY C 143 -26.07 -19.41 -0.46
CA GLY C 143 -26.02 -19.73 -1.88
C GLY C 143 -24.72 -19.38 -2.55
N TYR C 144 -23.80 -18.72 -1.85
CA TYR C 144 -22.47 -18.43 -2.36
C TYR C 144 -21.42 -19.32 -1.71
N ILE C 145 -21.26 -19.24 -0.38
CA ILE C 145 -20.42 -20.20 0.31
C ILE C 145 -21.11 -21.56 0.31
N LYS C 146 -20.31 -22.62 0.33
CA LYS C 146 -20.85 -23.97 0.36
C LYS C 146 -21.27 -24.31 1.79
N ASP C 147 -22.55 -24.62 1.98
CA ASP C 147 -23.07 -24.93 3.30
C ASP C 147 -22.59 -26.33 3.73
N TYR C 148 -22.34 -26.46 5.03
CA TYR C 148 -22.02 -27.77 5.63
C TYR C 148 -22.96 -27.96 6.81
N GLU C 149 -24.01 -28.75 6.58
CA GLU C 149 -24.96 -29.06 7.64
C GLU C 149 -24.25 -29.73 8.81
N GLY C 150 -24.57 -29.30 10.02
CA GLY C 150 -23.92 -29.79 11.22
C GLY C 150 -22.72 -28.97 11.66
N ALA C 151 -21.99 -28.37 10.72
CA ALA C 151 -20.88 -27.50 11.06
C ALA C 151 -21.41 -26.12 11.47
N THR C 152 -20.51 -25.30 12.01
CA THR C 152 -20.87 -23.97 12.49
C THR C 152 -20.19 -22.91 11.65
N LEU C 153 -20.96 -21.91 11.23
CA LEU C 153 -20.40 -20.80 10.46
C LEU C 153 -19.51 -19.94 11.35
N MET C 154 -18.37 -19.51 10.81
CA MET C 154 -17.43 -18.68 11.53
C MET C 154 -16.96 -17.55 10.62
N GLU C 155 -16.69 -16.39 11.24
CA GLU C 155 -16.39 -15.17 10.51
C GLU C 155 -15.18 -14.47 11.13
N CYS C 156 -14.32 -13.94 10.26
CA CYS C 156 -13.18 -13.13 10.67
C CYS C 156 -13.21 -11.82 9.90
N GLU C 157 -13.17 -10.71 10.62
CA GLU C 157 -13.12 -9.38 10.03
C GLU C 157 -11.69 -8.85 10.12
N LEU C 158 -11.20 -8.29 9.02
CA LEU C 158 -9.82 -7.84 8.91
C LEU C 158 -9.74 -6.32 9.08
N ASN C 159 -8.67 -5.87 9.74
CA ASN C 159 -8.40 -4.45 9.89
C ASN C 159 -7.43 -4.01 8.79
N PRO C 160 -7.85 -3.16 7.86
CA PRO C 160 -6.96 -2.80 6.73
C PRO C 160 -5.86 -1.83 7.09
N ARG C 161 -5.84 -1.27 8.29
CA ARG C 161 -4.79 -0.36 8.72
C ARG C 161 -3.74 -1.06 9.57
N ILE C 162 -3.79 -2.39 9.64
CA ILE C 162 -2.87 -3.17 10.47
C ILE C 162 -2.02 -4.03 9.55
N PRO C 163 -0.73 -4.18 9.82
CA PRO C 163 0.08 -5.18 9.10
C PRO C 163 0.01 -6.54 9.77
N TYR C 164 -0.19 -7.58 8.96
CA TYR C 164 -0.27 -8.94 9.47
C TYR C 164 0.98 -9.77 9.22
N THR C 165 1.82 -9.38 8.27
CA THR C 165 3.08 -10.07 8.01
C THR C 165 4.27 -9.13 8.15
#